data_6PGB
#
_entry.id   6PGB
#
_cell.length_a   46.798
_cell.length_b   65.275
_cell.length_c   97.127
_cell.angle_alpha   90.00
_cell.angle_beta   90.00
_cell.angle_gamma   90.00
#
_symmetry.space_group_name_H-M   'P 21 21 21'
#
loop_
_entity.id
_entity.type
_entity.pdbx_description
1 polymer 'WD repeat-containing protein 5'
2 non-polymer N-{4-[5-(hydroxymethyl)-1H-imidazol-2-yl]butyl}-2-phenylacetamide
3 non-polymer 'SULFATE ION'
4 water water
#
_entity_poly.entity_id   1
_entity_poly.type   'polypeptide(L)'
_entity_poly.pdbx_seq_one_letter_code
;GSKPNYALKFTLAGHTKAVSSVKFSPNGEWLASSSADKLIKIWGAYDGKFEKTISGHKLGISDVAWSSDSNLLVSASDDK
TLKIWDVSSGKCLKTLKGHSNYVFCCNFNPQSNLIVSGSFDESVRIWDVKTGKCLKTLPAHSDPVSAVHFNRDGSLIVSS
SYDGLCRIWDTASGQCLKTLIDDDNPPVSFVKFSPNGKYILAATLDNTLKLWDYSKGKCLKTYTGHKNEKYCIFANFSVT
GGKWIVSGSEDNLVYIWNLQTKEIVQKLQGHTDVVISTACHPTENIIASAALENDKTIKLWKSDC
;
_entity_poly.pdbx_strand_id   A
#
loop_
_chem_comp.id
_chem_comp.type
_chem_comp.name
_chem_comp.formula
OJG non-polymer N-{4-[5-(hydroxymethyl)-1H-imidazol-2-yl]butyl}-2-phenylacetamide 'C16 H21 N3 O2'
SO4 non-polymer 'SULFATE ION' 'O4 S -2'
#
# COMPACT_ATOMS: atom_id res chain seq x y z
N GLY A 1 -15.18 -5.44 -22.05
CA GLY A 1 -15.68 -4.16 -22.65
C GLY A 1 -14.86 -2.97 -22.20
N SER A 2 -15.32 -1.74 -22.50
CA SER A 2 -14.63 -0.47 -22.20
C SER A 2 -14.67 -0.15 -20.69
N LYS A 3 -15.65 -0.70 -19.97
CA LYS A 3 -15.87 -0.44 -18.51
C LYS A 3 -15.76 -1.76 -17.76
N PRO A 4 -15.32 -1.75 -16.49
CA PRO A 4 -15.29 -2.99 -15.71
C PRO A 4 -16.68 -3.26 -15.12
N ASN A 5 -16.93 -4.52 -14.76
CA ASN A 5 -18.18 -4.94 -14.09
C ASN A 5 -17.81 -5.80 -12.88
N TYR A 6 -16.94 -5.28 -12.02
CA TYR A 6 -16.57 -5.91 -10.72
C TYR A 6 -17.85 -6.22 -9.96
N ALA A 7 -17.99 -7.47 -9.53
CA ALA A 7 -19.10 -7.97 -8.70
C ALA A 7 -18.52 -8.73 -7.50
N LEU A 8 -19.21 -8.67 -6.35
CA LEU A 8 -18.75 -9.30 -5.11
C LEU A 8 -18.78 -10.83 -5.27
N LYS A 9 -17.67 -11.49 -5.00
CA LYS A 9 -17.59 -12.97 -5.11
C LYS A 9 -17.42 -13.58 -3.72
N PHE A 10 -16.63 -12.96 -2.84
CA PHE A 10 -16.35 -13.49 -1.48
C PHE A 10 -16.19 -12.37 -0.46
N THR A 11 -16.60 -12.66 0.76
CA THR A 11 -16.35 -11.82 1.96
C THR A 11 -15.52 -12.66 2.95
N LEU A 12 -14.39 -12.14 3.39
CA LEU A 12 -13.37 -12.87 4.20
C LEU A 12 -13.42 -12.33 5.62
N ALA A 13 -13.96 -13.10 6.56
CA ALA A 13 -14.17 -12.69 7.96
C ALA A 13 -13.11 -13.35 8.84
N GLY A 14 -12.67 -12.66 9.88
CA GLY A 14 -11.76 -13.28 10.86
C GLY A 14 -11.00 -12.27 11.68
N HIS A 15 -10.61 -11.13 11.09
CA HIS A 15 -9.94 -10.06 11.86
C HIS A 15 -10.94 -9.56 12.92
N THR A 16 -10.45 -9.15 14.08
CA THR A 16 -11.31 -8.75 15.24
C THR A 16 -11.18 -7.25 15.48
N LYS A 17 -10.36 -6.57 14.69
CA LYS A 17 -10.25 -5.09 14.69
C LYS A 17 -10.12 -4.64 13.23
N ALA A 18 -10.03 -3.34 12.99
CA ALA A 18 -9.85 -2.74 11.66
C ALA A 18 -8.81 -3.53 10.86
N VAL A 19 -9.11 -3.81 9.61
CA VAL A 19 -8.08 -4.25 8.63
C VAL A 19 -7.30 -2.98 8.23
N SER A 20 -5.99 -3.10 8.00
CA SER A 20 -5.13 -1.94 7.65
C SER A 20 -4.59 -2.02 6.21
N SER A 21 -4.38 -3.23 5.70
N SER A 21 -4.34 -3.23 5.73
CA SER A 21 -3.73 -3.43 4.39
CA SER A 21 -3.79 -3.42 4.37
C SER A 21 -3.93 -4.85 3.86
C SER A 21 -4.12 -4.82 3.87
N VAL A 22 -4.20 -4.95 2.56
CA VAL A 22 -4.34 -6.24 1.84
C VAL A 22 -3.41 -6.14 0.64
N LYS A 23 -2.71 -7.23 0.33
CA LYS A 23 -1.75 -7.33 -0.80
C LYS A 23 -1.88 -8.72 -1.42
N PHE A 24 -1.92 -8.79 -2.74
CA PHE A 24 -1.83 -10.08 -3.48
C PHE A 24 -0.36 -10.48 -3.61
N SER A 25 -0.07 -11.77 -3.43
CA SER A 25 1.27 -12.33 -3.71
C SER A 25 1.57 -12.14 -5.21
N PRO A 26 2.82 -11.84 -5.58
CA PRO A 26 3.22 -11.75 -7.00
C PRO A 26 2.83 -12.98 -7.83
N ASN A 27 2.88 -14.18 -7.25
CA ASN A 27 2.53 -15.43 -7.99
C ASN A 27 1.02 -15.59 -8.11
N GLY A 28 0.21 -14.66 -7.56
CA GLY A 28 -1.25 -14.62 -7.69
C GLY A 28 -1.99 -15.56 -6.75
N GLU A 29 -1.28 -16.34 -5.92
CA GLU A 29 -1.90 -17.48 -5.21
C GLU A 29 -2.64 -17.01 -3.96
N TRP A 30 -2.12 -15.97 -3.32
CA TRP A 30 -2.51 -15.58 -1.95
C TRP A 30 -2.94 -14.13 -1.89
N LEU A 31 -3.81 -13.85 -0.94
CA LEU A 31 -3.98 -12.50 -0.35
C LEU A 31 -3.43 -12.54 1.06
N ALA A 32 -2.60 -11.57 1.42
CA ALA A 32 -2.22 -11.26 2.83
C ALA A 32 -2.98 -10.04 3.32
N SER A 33 -3.52 -10.11 4.54
CA SER A 33 -4.18 -8.99 5.24
C SER A 33 -3.43 -8.71 6.54
N SER A 34 -3.28 -7.44 6.90
CA SER A 34 -2.79 -7.01 8.23
C SER A 34 -3.91 -6.27 8.97
N SER A 35 -3.80 -6.19 10.28
CA SER A 35 -4.88 -5.61 11.11
C SER A 35 -4.36 -4.97 12.40
N ALA A 36 -5.14 -4.03 12.93
CA ALA A 36 -5.00 -3.47 14.29
C ALA A 36 -5.07 -4.58 15.34
N ASP A 37 -5.59 -5.78 15.01
CA ASP A 37 -5.70 -6.94 15.96
C ASP A 37 -4.35 -7.63 16.16
N LYS A 38 -3.26 -7.10 15.59
CA LYS A 38 -1.86 -7.59 15.74
C LYS A 38 -1.57 -8.80 14.85
N LEU A 39 -2.50 -9.19 13.96
CA LEU A 39 -2.38 -10.44 13.16
C LEU A 39 -2.19 -10.13 11.66
N ILE A 40 -1.55 -11.09 10.97
CA ILE A 40 -1.53 -11.25 9.49
C ILE A 40 -2.34 -12.51 9.19
N LYS A 41 -3.26 -12.42 8.24
CA LYS A 41 -3.95 -13.63 7.75
C LYS A 41 -3.62 -13.82 6.27
N ILE A 42 -3.53 -15.09 5.86
CA ILE A 42 -3.28 -15.49 4.46
C ILE A 42 -4.55 -16.21 3.99
N TRP A 43 -4.99 -15.87 2.79
CA TRP A 43 -6.26 -16.31 2.17
C TRP A 43 -5.99 -16.75 0.75
N GLY A 44 -6.77 -17.71 0.23
CA GLY A 44 -6.71 -18.02 -1.19
C GLY A 44 -7.24 -16.88 -2.03
N ALA A 45 -6.48 -16.46 -3.04
CA ALA A 45 -6.78 -15.27 -3.87
C ALA A 45 -8.05 -15.47 -4.68
N TYR A 46 -8.34 -16.71 -5.09
CA TYR A 46 -9.37 -17.03 -6.11
C TYR A 46 -10.65 -17.51 -5.43
N ASP A 47 -10.56 -18.15 -4.25
CA ASP A 47 -11.73 -18.73 -3.53
C ASP A 47 -11.89 -18.13 -2.12
N GLY A 48 -11.04 -17.21 -1.68
CA GLY A 48 -11.11 -16.56 -0.35
C GLY A 48 -10.84 -17.53 0.79
N LYS A 49 -10.34 -18.73 0.50
CA LYS A 49 -10.18 -19.80 1.52
C LYS A 49 -9.16 -19.34 2.58
N PHE A 50 -9.56 -19.24 3.84
CA PHE A 50 -8.63 -18.92 4.95
C PHE A 50 -7.54 -19.99 5.00
N GLU A 51 -6.27 -19.57 5.01
CA GLU A 51 -5.09 -20.47 4.97
C GLU A 51 -4.43 -20.52 6.36
N LYS A 52 -3.95 -19.39 6.88
CA LYS A 52 -3.29 -19.37 8.21
C LYS A 52 -3.29 -17.96 8.80
N THR A 53 -3.09 -17.89 10.11
CA THR A 53 -2.78 -16.65 10.85
C THR A 53 -1.31 -16.64 11.20
N ILE A 54 -0.68 -15.47 11.09
CA ILE A 54 0.76 -15.26 11.41
C ILE A 54 0.79 -14.21 12.53
N SER A 55 1.39 -14.56 13.67
CA SER A 55 1.33 -13.75 14.92
C SER A 55 2.73 -13.55 15.49
N GLY A 56 2.90 -12.48 16.28
CA GLY A 56 4.17 -12.19 16.96
C GLY A 56 4.28 -10.74 17.34
N HIS A 57 3.66 -9.84 16.59
CA HIS A 57 3.71 -8.40 16.92
C HIS A 57 2.97 -8.19 18.25
N LYS A 58 3.46 -7.24 19.03
CA LYS A 58 2.93 -6.93 20.38
C LYS A 58 1.81 -5.89 20.29
N LEU A 59 1.70 -5.20 19.15
CA LEU A 59 0.66 -4.16 18.92
C LEU A 59 0.20 -4.22 17.47
N GLY A 60 -0.73 -3.35 17.11
CA GLY A 60 -1.39 -3.36 15.81
C GLY A 60 -0.40 -3.25 14.66
N ILE A 61 -0.81 -3.75 13.49
CA ILE A 61 -0.01 -3.74 12.23
C ILE A 61 -0.69 -2.75 11.29
N SER A 62 0.06 -1.84 10.67
CA SER A 62 -0.47 -0.81 9.72
C SER A 62 -0.24 -1.27 8.27
N ASP A 63 0.67 -2.20 8.01
CA ASP A 63 1.04 -2.52 6.61
C ASP A 63 1.68 -3.91 6.54
N VAL A 64 1.59 -4.53 5.38
CA VAL A 64 2.29 -5.80 5.09
C VAL A 64 2.66 -5.78 3.60
N ALA A 65 3.72 -6.45 3.24
CA ALA A 65 4.19 -6.47 1.85
C ALA A 65 4.93 -7.78 1.54
N TRP A 66 4.83 -8.21 0.28
CA TRP A 66 5.34 -9.52 -0.23
C TRP A 66 6.73 -9.31 -0.85
N SER A 67 7.64 -10.26 -0.65
CA SER A 67 8.87 -10.37 -1.49
C SER A 67 8.46 -10.73 -2.92
N SER A 68 9.35 -10.46 -3.87
CA SER A 68 9.16 -10.68 -5.33
C SER A 68 8.86 -12.15 -5.64
N ASP A 69 9.43 -13.07 -4.86
CA ASP A 69 9.31 -14.54 -5.09
C ASP A 69 8.10 -15.12 -4.33
N SER A 70 7.29 -14.28 -3.67
CA SER A 70 6.06 -14.66 -2.93
C SER A 70 6.37 -15.51 -1.68
N ASN A 71 7.63 -15.62 -1.26
CA ASN A 71 8.02 -16.54 -0.14
C ASN A 71 8.06 -15.78 1.20
N LEU A 72 8.28 -14.46 1.20
CA LEU A 72 8.42 -13.67 2.44
C LEU A 72 7.36 -12.58 2.52
N LEU A 73 6.96 -12.23 3.74
CA LEU A 73 6.23 -10.99 4.08
C LEU A 73 7.11 -10.10 4.97
N VAL A 74 6.90 -8.80 4.86
CA VAL A 74 7.36 -7.85 5.89
C VAL A 74 6.15 -7.10 6.44
N SER A 75 6.10 -6.90 7.75
CA SER A 75 5.00 -6.17 8.43
C SER A 75 5.56 -4.97 9.17
N ALA A 76 4.75 -3.91 9.27
CA ALA A 76 5.07 -2.64 9.96
C ALA A 76 4.08 -2.49 11.12
N SER A 77 4.57 -2.30 12.36
CA SER A 77 3.73 -2.37 13.58
C SER A 77 3.91 -1.15 14.50
N ASP A 78 2.88 -0.91 15.28
CA ASP A 78 2.84 0.13 16.34
C ASP A 78 3.81 -0.25 17.46
N ASP A 79 4.30 -1.48 17.50
CA ASP A 79 5.33 -1.92 18.49
C ASP A 79 6.73 -1.40 18.09
N LYS A 80 6.82 -0.59 17.03
CA LYS A 80 8.03 0.15 16.58
C LYS A 80 8.97 -0.77 15.81
N THR A 81 8.52 -1.98 15.46
CA THR A 81 9.36 -2.93 14.71
C THR A 81 8.71 -3.23 13.37
N LEU A 82 9.53 -3.74 12.45
CA LEU A 82 9.05 -4.57 11.33
C LEU A 82 9.44 -6.00 11.62
N LYS A 83 8.68 -6.93 11.08
CA LYS A 83 9.02 -8.37 11.16
C LYS A 83 9.05 -8.93 9.74
N ILE A 84 10.04 -9.76 9.47
CA ILE A 84 10.15 -10.55 8.22
C ILE A 84 9.66 -11.95 8.52
N TRP A 85 8.74 -12.46 7.71
CA TRP A 85 8.05 -13.76 7.92
C TRP A 85 8.33 -14.70 6.76
N ASP A 86 8.58 -15.96 7.10
CA ASP A 86 8.49 -17.10 6.15
C ASP A 86 7.01 -17.46 6.01
N VAL A 87 6.42 -17.26 4.83
CA VAL A 87 4.96 -17.48 4.64
C VAL A 87 4.63 -18.97 4.83
N SER A 88 5.47 -19.86 4.33
CA SER A 88 5.27 -21.33 4.38
C SER A 88 5.18 -21.82 5.84
N SER A 89 6.09 -21.36 6.70
CA SER A 89 6.24 -21.84 8.11
C SER A 89 5.48 -20.93 9.09
N GLY A 90 5.17 -19.69 8.66
CA GLY A 90 4.53 -18.67 9.52
C GLY A 90 5.51 -18.09 10.53
N LYS A 91 6.79 -18.43 10.45
CA LYS A 91 7.77 -18.05 11.49
C LYS A 91 8.34 -16.67 11.20
N CYS A 92 8.57 -15.89 12.26
CA CYS A 92 9.32 -14.62 12.22
C CYS A 92 10.81 -14.90 12.01
N LEU A 93 11.37 -14.50 10.87
CA LEU A 93 12.80 -14.72 10.56
C LEU A 93 13.66 -13.64 11.22
N LYS A 94 13.22 -12.40 11.12
CA LYS A 94 13.96 -11.23 11.65
C LYS A 94 12.97 -10.26 12.27
N THR A 95 13.39 -9.57 13.33
CA THR A 95 12.69 -8.37 13.87
C THR A 95 13.60 -7.17 13.62
N LEU A 96 13.10 -6.17 12.91
CA LEU A 96 13.88 -4.99 12.47
C LEU A 96 13.61 -3.88 13.48
N LYS A 97 14.61 -3.57 14.30
CA LYS A 97 14.50 -2.60 15.42
C LYS A 97 15.32 -1.36 15.09
N GLY A 98 14.79 -0.17 15.40
CA GLY A 98 15.48 1.11 15.23
C GLY A 98 14.55 2.32 15.16
N HIS A 99 13.38 2.19 14.54
CA HIS A 99 12.38 3.27 14.58
C HIS A 99 12.05 3.56 16.05
N SER A 100 11.77 4.81 16.37
CA SER A 100 11.45 5.30 17.74
C SER A 100 9.95 5.60 17.90
N ASN A 101 9.12 5.24 16.92
CA ASN A 101 7.65 5.41 17.01
C ASN A 101 7.04 4.38 16.08
N TYR A 102 5.74 4.37 15.97
CA TYR A 102 4.98 3.42 15.11
C TYR A 102 5.65 3.32 13.75
N VAL A 103 5.80 2.10 13.23
CA VAL A 103 6.17 1.87 11.80
C VAL A 103 4.87 1.77 11.03
N PHE A 104 4.69 2.61 10.03
CA PHE A 104 3.40 2.76 9.34
C PHE A 104 3.33 2.02 7.99
N CYS A 105 4.42 2.00 7.23
CA CYS A 105 4.42 1.57 5.81
C CYS A 105 5.71 0.82 5.50
N CYS A 106 5.66 -0.09 4.54
CA CYS A 106 6.82 -0.93 4.22
C CYS A 106 6.69 -1.53 2.83
N ASN A 107 7.83 -1.89 2.26
CA ASN A 107 7.88 -2.54 0.93
C ASN A 107 9.25 -3.18 0.73
N PHE A 108 9.29 -4.32 0.02
CA PHE A 108 10.54 -4.89 -0.53
C PHE A 108 10.91 -4.12 -1.80
N ASN A 109 12.20 -4.12 -2.15
CA ASN A 109 12.65 -3.74 -3.52
C ASN A 109 12.40 -4.93 -4.45
N PRO A 110 12.42 -4.73 -5.80
CA PRO A 110 12.23 -5.85 -6.74
C PRO A 110 13.20 -7.02 -6.53
N GLN A 111 14.44 -6.70 -6.17
CA GLN A 111 15.52 -7.67 -5.85
C GLN A 111 15.13 -8.46 -4.59
N SER A 112 14.36 -7.83 -3.70
CA SER A 112 13.93 -8.29 -2.35
C SER A 112 15.16 -8.60 -1.47
N ASN A 113 16.26 -7.84 -1.66
CA ASN A 113 17.45 -7.83 -0.76
C ASN A 113 17.29 -6.70 0.27
N LEU A 114 16.44 -5.69 0.02
CA LEU A 114 16.21 -4.52 0.91
C LEU A 114 14.72 -4.41 1.29
N ILE A 115 14.49 -3.83 2.46
CA ILE A 115 13.14 -3.36 2.88
C ILE A 115 13.24 -1.86 3.11
N VAL A 116 12.24 -1.12 2.64
CA VAL A 116 12.08 0.30 2.98
C VAL A 116 10.92 0.43 3.98
N SER A 117 11.08 1.29 4.97
CA SER A 117 10.05 1.54 6.02
C SER A 117 9.87 3.04 6.26
N GLY A 118 8.64 3.41 6.61
CA GLY A 118 8.28 4.78 7.01
C GLY A 118 7.61 4.76 8.35
N SER A 119 7.90 5.74 9.19
CA SER A 119 7.46 5.74 10.61
C SER A 119 6.85 7.08 11.02
N PHE A 120 6.07 7.03 12.08
CA PHE A 120 5.59 8.20 12.82
C PHE A 120 6.79 9.02 13.35
N ASP A 121 8.01 8.44 13.40
CA ASP A 121 9.24 9.13 13.89
C ASP A 121 9.82 10.06 12.81
N GLU A 122 9.21 10.11 11.61
CA GLU A 122 9.47 11.11 10.54
C GLU A 122 10.68 10.67 9.70
N SER A 123 11.17 9.42 9.89
CA SER A 123 12.31 8.87 9.13
C SER A 123 11.81 7.79 8.21
N VAL A 124 12.63 7.56 7.18
CA VAL A 124 12.57 6.38 6.28
C VAL A 124 13.82 5.56 6.56
N ARG A 125 13.68 4.25 6.74
CA ARG A 125 14.82 3.34 7.00
C ARG A 125 14.91 2.32 5.88
N ILE A 126 16.14 1.95 5.57
CA ILE A 126 16.48 0.94 4.53
C ILE A 126 17.21 -0.21 5.25
N TRP A 127 16.67 -1.41 5.14
CA TRP A 127 17.10 -2.60 5.92
C TRP A 127 17.63 -3.68 4.99
N ASP A 128 18.63 -4.43 5.47
CA ASP A 128 19.14 -5.63 4.78
C ASP A 128 18.23 -6.80 5.17
N VAL A 129 17.62 -7.45 4.20
CA VAL A 129 16.72 -8.61 4.42
C VAL A 129 17.51 -9.78 5.03
N LYS A 130 18.70 -10.10 4.51
CA LYS A 130 19.49 -11.29 4.96
C LYS A 130 19.84 -11.16 6.46
N THR A 131 20.34 -10.01 6.90
CA THR A 131 20.85 -9.81 8.29
C THR A 131 19.80 -9.15 9.18
N GLY A 132 18.84 -8.41 8.61
CA GLY A 132 17.89 -7.62 9.39
C GLY A 132 18.50 -6.33 9.93
N LYS A 133 19.70 -5.98 9.48
CA LYS A 133 20.41 -4.75 9.95
C LYS A 133 19.84 -3.53 9.23
N CYS A 134 19.75 -2.42 9.95
CA CYS A 134 19.45 -1.10 9.35
C CYS A 134 20.69 -0.60 8.61
N LEU A 135 20.59 -0.41 7.30
CA LEU A 135 21.70 0.11 6.46
C LEU A 135 21.74 1.63 6.47
N LYS A 136 20.58 2.28 6.40
CA LYS A 136 20.48 3.75 6.28
C LYS A 136 19.25 4.26 7.02
N THR A 137 19.40 5.42 7.67
CA THR A 137 18.28 6.18 8.21
C THR A 137 18.25 7.50 7.49
N LEU A 138 17.16 7.75 6.75
CA LEU A 138 16.90 9.04 6.06
C LEU A 138 16.02 9.94 6.91
N PRO A 139 16.49 11.18 7.19
CA PRO A 139 15.70 12.21 7.89
C PRO A 139 14.72 12.83 6.89
N ALA A 140 13.76 12.03 6.45
CA ALA A 140 13.04 12.23 5.19
C ALA A 140 12.02 13.36 5.29
N HIS A 141 11.41 13.53 6.46
CA HIS A 141 10.18 14.36 6.62
C HIS A 141 10.16 15.02 7.99
N SER A 142 9.19 15.91 8.18
CA SER A 142 9.02 16.68 9.43
C SER A 142 7.64 16.36 10.03
N ASP A 143 7.06 15.20 9.68
CA ASP A 143 5.78 14.68 10.23
C ASP A 143 5.72 13.21 9.85
N PRO A 144 4.77 12.41 10.37
CA PRO A 144 4.69 10.99 10.07
C PRO A 144 4.77 10.68 8.57
N VAL A 145 5.45 9.58 8.25
CA VAL A 145 5.63 9.08 6.85
C VAL A 145 4.48 8.14 6.52
N SER A 146 3.68 8.48 5.50
CA SER A 146 2.40 7.79 5.17
C SER A 146 2.62 6.61 4.22
N ALA A 147 3.64 6.65 3.36
CA ALA A 147 3.90 5.63 2.32
C ALA A 147 5.38 5.66 1.88
N VAL A 148 5.90 4.50 1.48
CA VAL A 148 7.26 4.33 0.89
C VAL A 148 7.14 3.27 -0.19
N HIS A 149 7.85 3.40 -1.31
CA HIS A 149 7.73 2.46 -2.45
C HIS A 149 9.01 2.54 -3.29
N PHE A 150 9.51 1.39 -3.75
CA PHE A 150 10.65 1.38 -4.72
C PHE A 150 10.08 1.40 -6.14
N ASN A 151 10.89 1.90 -7.08
CA ASN A 151 10.54 1.90 -8.51
C ASN A 151 10.95 0.53 -9.07
N ARG A 152 10.82 0.35 -10.38
CA ARG A 152 10.85 -1.03 -10.97
CA ARG A 152 10.86 -0.99 -11.04
C ARG A 152 12.27 -1.60 -11.03
N ASP A 153 13.33 -0.76 -11.04
CA ASP A 153 14.71 -1.28 -11.04
C ASP A 153 15.33 -1.20 -9.63
N GLY A 154 14.58 -0.67 -8.65
CA GLY A 154 15.01 -0.55 -7.25
C GLY A 154 15.93 0.63 -6.97
N SER A 155 16.29 1.45 -7.97
CA SER A 155 17.26 2.56 -7.85
C SER A 155 16.66 3.76 -7.10
N LEU A 156 15.33 3.84 -7.02
CA LEU A 156 14.61 4.98 -6.40
C LEU A 156 13.65 4.49 -5.34
N ILE A 157 13.45 5.34 -4.34
CA ILE A 157 12.41 5.26 -3.30
C ILE A 157 11.54 6.51 -3.41
N VAL A 158 10.23 6.36 -3.36
CA VAL A 158 9.30 7.52 -3.18
C VAL A 158 8.70 7.45 -1.78
N SER A 159 8.70 8.58 -1.06
CA SER A 159 8.06 8.72 0.27
C SER A 159 7.05 9.86 0.26
N SER A 160 6.08 9.77 1.15
CA SER A 160 5.07 10.81 1.35
C SER A 160 4.89 11.02 2.85
N SER A 161 4.40 12.19 3.21
CA SER A 161 4.26 12.59 4.63
C SER A 161 3.10 13.56 4.81
N TYR A 162 2.56 13.54 6.03
CA TYR A 162 1.67 14.57 6.60
C TYR A 162 2.32 15.95 6.54
N ASP A 163 3.64 16.04 6.29
CA ASP A 163 4.32 17.36 6.19
C ASP A 163 3.92 18.04 4.87
N GLY A 164 3.28 17.29 3.96
CA GLY A 164 2.76 17.81 2.69
C GLY A 164 3.72 17.60 1.53
N LEU A 165 4.82 16.89 1.77
CA LEU A 165 5.86 16.64 0.76
C LEU A 165 5.75 15.22 0.21
N CYS A 166 6.07 15.08 -1.09
N CYS A 166 6.10 15.07 -1.07
CA CYS A 166 6.51 13.83 -1.76
CA CYS A 166 6.50 13.80 -1.71
C CYS A 166 7.99 13.99 -2.10
C CYS A 166 7.97 13.95 -2.12
N ARG A 167 8.84 13.06 -1.65
CA ARG A 167 10.29 13.11 -1.97
C ARG A 167 10.71 11.82 -2.68
N ILE A 168 11.67 11.95 -3.59
CA ILE A 168 12.29 10.79 -4.29
C ILE A 168 13.75 10.70 -3.88
N TRP A 169 14.14 9.49 -3.47
CA TRP A 169 15.44 9.18 -2.85
C TRP A 169 16.22 8.25 -3.77
N ASP A 170 17.52 8.51 -3.87
CA ASP A 170 18.49 7.56 -4.45
C ASP A 170 18.71 6.44 -3.43
N THR A 171 18.28 5.22 -3.73
CA THR A 171 18.46 4.04 -2.84
C THR A 171 19.92 3.87 -2.41
N ALA A 172 20.88 3.94 -3.34
CA ALA A 172 22.31 3.60 -3.09
C ALA A 172 22.93 4.55 -2.05
N SER A 173 22.63 5.83 -2.15
CA SER A 173 23.27 6.89 -1.34
C SER A 173 22.35 7.38 -0.21
N GLY A 174 21.04 7.18 -0.33
CA GLY A 174 20.05 7.75 0.61
C GLY A 174 19.83 9.23 0.38
N GLN A 175 20.42 9.83 -0.67
CA GLN A 175 20.36 11.30 -0.85
C GLN A 175 19.12 11.66 -1.66
N CYS A 176 18.52 12.81 -1.36
CA CYS A 176 17.27 13.26 -2.00
C CYS A 176 17.57 13.71 -3.43
N LEU A 177 16.81 13.18 -4.39
CA LEU A 177 16.93 13.54 -5.83
C LEU A 177 15.94 14.66 -6.17
N LYS A 178 14.76 14.66 -5.54
CA LYS A 178 13.67 15.57 -5.92
C LYS A 178 12.66 15.68 -4.78
N THR A 179 12.16 16.88 -4.52
CA THR A 179 10.94 17.13 -3.73
C THR A 179 9.84 17.47 -4.76
N LEU A 180 9.02 16.46 -5.11
CA LEU A 180 8.09 16.43 -6.27
C LEU A 180 6.84 17.25 -5.96
N ILE A 181 6.35 17.13 -4.73
CA ILE A 181 5.25 17.95 -4.18
C ILE A 181 5.84 18.75 -3.01
N ASP A 182 5.77 20.09 -3.06
CA ASP A 182 6.32 20.99 -2.01
C ASP A 182 5.27 22.01 -1.60
N ASP A 183 4.28 21.57 -0.80
CA ASP A 183 3.25 22.44 -0.17
C ASP A 183 3.24 22.16 1.34
N ASP A 184 3.00 23.21 2.14
CA ASP A 184 2.83 23.16 3.63
C ASP A 184 1.71 22.17 3.94
N ASN A 185 0.69 22.15 3.08
CA ASN A 185 -0.48 21.25 3.13
C ASN A 185 -0.98 21.16 1.69
N PRO A 186 -1.88 20.22 1.35
CA PRO A 186 -2.42 19.22 2.29
C PRO A 186 -1.47 18.06 2.56
N PRO A 187 -1.69 17.29 3.66
CA PRO A 187 -0.97 16.05 3.92
C PRO A 187 -1.02 15.12 2.68
N VAL A 188 0.11 14.51 2.35
CA VAL A 188 0.20 13.45 1.30
C VAL A 188 0.09 12.12 2.01
N SER A 189 -1.03 11.44 1.78
CA SER A 189 -1.54 10.27 2.55
C SER A 189 -1.09 8.96 1.89
N PHE A 190 -0.63 9.03 0.65
CA PHE A 190 -0.21 7.83 -0.09
C PHE A 190 0.58 8.21 -1.33
N VAL A 191 1.61 7.43 -1.65
CA VAL A 191 2.33 7.54 -2.95
C VAL A 191 2.80 6.16 -3.40
N LYS A 192 2.86 5.98 -4.71
CA LYS A 192 3.55 4.82 -5.31
C LYS A 192 3.95 5.15 -6.73
N PHE A 193 4.97 4.44 -7.22
CA PHE A 193 5.40 4.45 -8.63
C PHE A 193 4.39 3.69 -9.47
N SER A 194 4.21 4.15 -10.71
CA SER A 194 3.52 3.39 -11.78
C SER A 194 4.36 2.19 -12.14
N PRO A 195 3.75 1.13 -12.72
CA PRO A 195 4.46 -0.11 -13.02
C PRO A 195 5.74 0.14 -13.84
N ASN A 196 5.69 1.10 -14.77
CA ASN A 196 6.84 1.42 -15.67
C ASN A 196 7.79 2.44 -15.01
N GLY A 197 7.48 2.89 -13.80
CA GLY A 197 8.39 3.74 -12.98
C GLY A 197 8.50 5.18 -13.48
N LYS A 198 7.70 5.61 -14.46
CA LYS A 198 7.80 6.99 -15.02
C LYS A 198 6.91 7.95 -14.24
N TYR A 199 5.85 7.43 -13.63
CA TYR A 199 4.80 8.24 -12.97
C TYR A 199 4.78 7.92 -11.49
N ILE A 200 4.30 8.86 -10.70
CA ILE A 200 3.98 8.65 -9.26
C ILE A 200 2.51 8.98 -9.07
N LEU A 201 1.78 8.06 -8.44
CA LEU A 201 0.37 8.25 -8.04
C LEU A 201 0.38 8.72 -6.59
N ALA A 202 -0.21 9.87 -6.31
CA ALA A 202 -0.20 10.49 -4.96
C ALA A 202 -1.60 10.88 -4.50
N ALA A 203 -1.96 10.51 -3.29
CA ALA A 203 -3.20 10.89 -2.60
C ALA A 203 -2.90 12.04 -1.64
N THR A 204 -3.75 13.07 -1.61
CA THR A 204 -3.73 14.16 -0.60
C THR A 204 -5.07 14.21 0.13
N LEU A 205 -5.09 14.68 1.37
CA LEU A 205 -6.29 14.61 2.25
C LEU A 205 -7.21 15.80 1.96
N ASP A 206 -7.37 16.10 0.68
CA ASP A 206 -8.35 17.07 0.11
C ASP A 206 -9.15 16.34 -0.97
N ASN A 207 -9.35 15.01 -0.78
CA ASN A 207 -10.24 14.18 -1.62
C ASN A 207 -9.70 14.12 -3.06
N THR A 208 -8.37 14.04 -3.23
CA THR A 208 -7.72 14.16 -4.56
C THR A 208 -6.64 13.09 -4.75
N LEU A 209 -6.65 12.42 -5.89
CA LEU A 209 -5.53 11.60 -6.41
C LEU A 209 -4.92 12.33 -7.60
N LYS A 210 -3.60 12.27 -7.74
N LYS A 210 -3.60 12.27 -7.74
CA LYS A 210 -2.87 12.94 -8.86
CA LYS A 210 -2.85 12.92 -8.84
C LYS A 210 -1.80 11.99 -9.40
C LYS A 210 -1.82 11.95 -9.40
N LEU A 211 -1.72 11.89 -10.73
CA LEU A 211 -0.64 11.17 -11.45
C LEU A 211 0.40 12.21 -11.90
N TRP A 212 1.62 12.09 -11.37
CA TRP A 212 2.77 13.00 -11.64
C TRP A 212 3.75 12.32 -12.59
N ASP A 213 4.26 13.06 -13.57
CA ASP A 213 5.45 12.66 -14.37
C ASP A 213 6.66 12.90 -13.48
N TYR A 214 7.38 11.84 -13.10
CA TYR A 214 8.51 11.93 -12.15
C TYR A 214 9.60 12.84 -12.75
N SER A 215 10.06 12.54 -13.98
CA SER A 215 11.16 13.26 -14.67
C SER A 215 10.85 14.75 -14.82
N LYS A 216 9.67 15.09 -15.32
CA LYS A 216 9.26 16.50 -15.63
C LYS A 216 8.78 17.20 -14.36
N GLY A 217 8.39 16.44 -13.33
CA GLY A 217 7.83 16.95 -12.07
C GLY A 217 6.54 17.73 -12.30
N LYS A 218 5.65 17.24 -13.19
CA LYS A 218 4.37 17.90 -13.56
C LYS A 218 3.18 16.93 -13.37
N CYS A 219 2.03 17.46 -12.96
CA CYS A 219 0.77 16.69 -12.77
C CYS A 219 0.10 16.44 -14.11
N LEU A 220 -0.01 15.17 -14.51
CA LEU A 220 -0.58 14.73 -15.82
C LEU A 220 -2.08 14.44 -15.69
N LYS A 221 -2.54 13.93 -14.54
CA LYS A 221 -3.94 13.53 -14.30
C LYS A 221 -4.34 13.80 -12.86
N THR A 222 -5.61 14.14 -12.67
CA THR A 222 -6.28 14.31 -11.37
C THR A 222 -7.55 13.44 -11.32
N TYR A 223 -7.78 12.74 -10.21
CA TYR A 223 -8.94 11.83 -9.99
C TYR A 223 -9.67 12.31 -8.73
N THR A 224 -10.95 12.68 -8.89
CA THR A 224 -11.81 13.13 -7.77
C THR A 224 -13.19 12.46 -7.86
N GLY A 225 -13.99 12.67 -6.82
CA GLY A 225 -15.37 12.16 -6.68
C GLY A 225 -15.52 11.30 -5.44
N HIS A 226 -14.40 10.80 -4.90
CA HIS A 226 -14.34 10.01 -3.65
C HIS A 226 -14.13 10.94 -2.45
N LYS A 227 -14.18 10.38 -1.23
N LYS A 227 -14.17 10.39 -1.22
CA LYS A 227 -13.94 11.09 0.05
CA LYS A 227 -13.96 11.09 0.07
C LYS A 227 -12.64 10.57 0.68
C LYS A 227 -12.66 10.58 0.71
N ASN A 228 -11.69 11.47 0.91
CA ASN A 228 -10.39 11.14 1.56
C ASN A 228 -9.87 12.42 2.22
N GLU A 229 -10.23 12.63 3.48
CA GLU A 229 -9.77 13.79 4.29
C GLU A 229 -9.03 13.37 5.56
N LYS A 230 -8.96 12.08 5.86
CA LYS A 230 -8.50 11.62 7.19
C LYS A 230 -7.47 10.49 7.10
N TYR A 231 -7.79 9.42 6.37
CA TYR A 231 -7.03 8.13 6.44
C TYR A 231 -6.05 8.03 5.26
N CYS A 232 -4.98 7.28 5.50
CA CYS A 232 -3.95 6.94 4.48
C CYS A 232 -4.49 5.76 3.65
N ILE A 233 -5.34 6.07 2.70
CA ILE A 233 -6.02 5.07 1.82
C ILE A 233 -5.08 4.74 0.66
N PHE A 234 -4.80 3.47 0.45
CA PHE A 234 -3.97 2.98 -0.69
C PHE A 234 -4.68 3.30 -2.01
N ALA A 235 -3.92 3.38 -3.10
CA ALA A 235 -4.45 3.44 -4.47
C ALA A 235 -3.60 2.54 -5.37
N ASN A 236 -4.18 2.10 -6.47
CA ASN A 236 -3.57 1.05 -7.32
C ASN A 236 -3.66 1.47 -8.77
N PHE A 237 -2.72 0.97 -9.58
CA PHE A 237 -2.83 0.83 -11.05
C PHE A 237 -3.42 -0.55 -11.35
N SER A 238 -4.60 -0.61 -11.95
CA SER A 238 -5.19 -1.89 -12.43
C SER A 238 -4.76 -2.04 -13.90
N VAL A 239 -4.08 -3.14 -14.24
CA VAL A 239 -3.39 -3.30 -15.57
C VAL A 239 -3.76 -4.63 -16.27
N THR A 240 -4.50 -5.53 -15.63
CA THR A 240 -4.81 -6.90 -16.17
C THR A 240 -5.85 -6.83 -17.29
N GLY A 241 -6.80 -5.90 -17.18
CA GLY A 241 -7.85 -5.67 -18.19
C GLY A 241 -7.75 -4.25 -18.71
N GLY A 242 -8.81 -3.46 -18.55
CA GLY A 242 -8.76 -2.02 -18.82
C GLY A 242 -7.81 -1.32 -17.86
N LYS A 243 -7.30 -0.15 -18.23
CA LYS A 243 -6.27 0.58 -17.45
C LYS A 243 -6.99 1.54 -16.51
N TRP A 244 -7.15 1.10 -15.27
CA TRP A 244 -7.90 1.84 -14.23
C TRP A 244 -6.96 2.36 -13.14
N ILE A 245 -7.46 3.34 -12.40
CA ILE A 245 -6.99 3.74 -11.05
C ILE A 245 -8.05 3.25 -10.07
N VAL A 246 -7.63 2.58 -8.99
CA VAL A 246 -8.51 2.04 -7.92
C VAL A 246 -8.12 2.70 -6.58
N SER A 247 -9.13 3.04 -5.78
CA SER A 247 -8.91 3.60 -4.43
C SER A 247 -10.12 3.27 -3.58
N GLY A 248 -9.88 3.00 -2.31
CA GLY A 248 -10.94 3.07 -1.29
C GLY A 248 -11.40 4.50 -1.04
N SER A 249 -12.35 4.66 -0.12
CA SER A 249 -13.02 5.95 0.13
C SER A 249 -13.63 5.96 1.51
N GLU A 250 -13.73 7.13 2.11
CA GLU A 250 -14.34 7.32 3.45
C GLU A 250 -15.87 7.31 3.39
N ASP A 251 -16.47 7.10 2.21
CA ASP A 251 -17.94 6.90 2.06
C ASP A 251 -18.22 5.40 1.88
N ASN A 252 -17.26 4.55 2.26
CA ASN A 252 -17.42 3.07 2.35
C ASN A 252 -17.48 2.39 0.97
N LEU A 253 -17.07 3.07 -0.11
CA LEU A 253 -17.08 2.53 -1.50
C LEU A 253 -15.67 2.32 -2.01
N VAL A 254 -15.51 1.41 -2.95
CA VAL A 254 -14.30 1.33 -3.82
C VAL A 254 -14.58 2.14 -5.09
N TYR A 255 -13.70 3.08 -5.44
CA TYR A 255 -13.80 3.91 -6.67
C TYR A 255 -12.85 3.35 -7.72
N ILE A 256 -13.32 3.27 -8.96
CA ILE A 256 -12.52 2.87 -10.15
C ILE A 256 -12.68 3.96 -11.20
N TRP A 257 -11.57 4.53 -11.66
CA TRP A 257 -11.52 5.60 -12.69
C TRP A 257 -10.88 5.01 -13.93
N ASN A 258 -11.25 5.50 -15.11
CA ASN A 258 -10.42 5.37 -16.33
C ASN A 258 -9.18 6.24 -16.13
N LEU A 259 -7.98 5.67 -16.29
CA LEU A 259 -6.70 6.37 -16.02
C LEU A 259 -6.52 7.54 -16.99
N GLN A 260 -6.80 7.33 -18.28
CA GLN A 260 -6.61 8.33 -19.37
C GLN A 260 -7.68 9.42 -19.28
N THR A 261 -8.96 9.04 -19.15
CA THR A 261 -10.11 9.99 -19.26
C THR A 261 -10.41 10.64 -17.91
N LYS A 262 -10.08 9.97 -16.79
CA LYS A 262 -10.33 10.41 -15.39
C LYS A 262 -11.81 10.27 -15.00
N GLU A 263 -12.65 9.64 -15.82
CA GLU A 263 -14.06 9.40 -15.47
C GLU A 263 -14.14 8.27 -14.46
N ILE A 264 -15.03 8.37 -13.48
CA ILE A 264 -15.40 7.24 -12.61
C ILE A 264 -16.13 6.22 -13.48
N VAL A 265 -15.65 4.98 -13.50
CA VAL A 265 -16.27 3.92 -14.35
C VAL A 265 -17.00 2.89 -13.48
N GLN A 266 -16.71 2.81 -12.19
CA GLN A 266 -17.49 1.94 -11.26
C GLN A 266 -17.29 2.40 -9.82
N LYS A 267 -18.30 2.21 -8.99
CA LYS A 267 -18.25 2.36 -7.52
C LYS A 267 -18.75 1.05 -6.92
N LEU A 268 -17.95 0.40 -6.08
CA LEU A 268 -18.30 -0.92 -5.52
C LEU A 268 -18.88 -0.73 -4.12
N GLN A 269 -20.13 -1.14 -3.93
CA GLN A 269 -20.89 -0.98 -2.66
C GLN A 269 -20.93 -2.32 -1.92
N GLY A 270 -20.79 -2.29 -0.60
CA GLY A 270 -20.87 -3.51 0.24
C GLY A 270 -20.28 -3.30 1.62
N HIS A 271 -19.14 -2.60 1.71
CA HIS A 271 -18.46 -2.32 3.00
C HIS A 271 -19.33 -1.40 3.86
N THR A 272 -19.19 -1.51 5.17
CA THR A 272 -19.97 -0.76 6.19
C THR A 272 -19.03 0.12 7.00
N ASP A 273 -17.83 0.37 6.48
CA ASP A 273 -16.89 1.35 7.06
C ASP A 273 -15.92 1.81 5.98
N VAL A 274 -15.09 2.78 6.32
CA VAL A 274 -14.03 3.33 5.42
C VAL A 274 -13.30 2.17 4.74
N VAL A 275 -13.21 2.20 3.42
CA VAL A 275 -12.35 1.25 2.66
C VAL A 275 -10.92 1.80 2.68
N ILE A 276 -10.04 1.20 3.48
CA ILE A 276 -8.69 1.74 3.79
C ILE A 276 -7.69 1.24 2.74
N SER A 277 -7.95 0.08 2.18
CA SER A 277 -6.95 -0.63 1.38
C SER A 277 -7.66 -1.38 0.26
N THR A 278 -7.10 -1.27 -0.94
CA THR A 278 -7.48 -2.07 -2.12
C THR A 278 -6.18 -2.66 -2.68
N ALA A 279 -6.30 -3.78 -3.37
CA ALA A 279 -5.21 -4.42 -4.15
C ALA A 279 -5.77 -5.02 -5.43
N CYS A 280 -4.95 -5.02 -6.49
CA CYS A 280 -5.33 -5.53 -7.82
C CYS A 280 -4.51 -6.78 -8.09
N HIS A 281 -5.17 -7.88 -8.43
CA HIS A 281 -4.52 -9.19 -8.66
C HIS A 281 -3.53 -9.04 -9.82
N PRO A 282 -2.35 -9.69 -9.76
CA PRO A 282 -1.33 -9.52 -10.81
C PRO A 282 -1.67 -10.09 -12.19
N THR A 283 -2.60 -11.04 -12.31
CA THR A 283 -2.94 -11.68 -13.63
C THR A 283 -4.44 -11.67 -13.95
N GLU A 284 -5.31 -11.79 -12.94
CA GLU A 284 -6.79 -11.83 -13.10
C GLU A 284 -7.41 -10.46 -12.77
N ASN A 285 -8.58 -10.17 -13.34
CA ASN A 285 -9.34 -8.94 -13.02
C ASN A 285 -10.06 -9.15 -11.68
N ILE A 286 -9.28 -9.07 -10.59
CA ILE A 286 -9.77 -9.29 -9.20
C ILE A 286 -9.27 -8.13 -8.36
N ILE A 287 -10.17 -7.52 -7.58
CA ILE A 287 -9.83 -6.51 -6.56
C ILE A 287 -10.13 -7.10 -5.18
N ALA A 288 -9.22 -6.89 -4.22
CA ALA A 288 -9.45 -7.08 -2.78
C ALA A 288 -9.62 -5.72 -2.13
N SER A 289 -10.62 -5.57 -1.27
CA SER A 289 -10.89 -4.32 -0.52
C SER A 289 -10.99 -4.68 0.97
N ALA A 290 -10.61 -3.76 1.84
CA ALA A 290 -10.64 -4.02 3.28
C ALA A 290 -11.09 -2.75 4.00
N ALA A 291 -11.81 -2.91 5.12
CA ALA A 291 -12.57 -1.86 5.82
C ALA A 291 -12.15 -1.75 7.29
N LEU A 292 -12.44 -0.61 7.90
CA LEU A 292 -12.08 -0.31 9.31
C LEU A 292 -13.07 -0.98 10.28
N GLU A 293 -13.03 -0.61 11.55
CA GLU A 293 -13.47 -1.51 12.66
C GLU A 293 -15.00 -1.69 12.70
N ASN A 294 -15.82 -0.87 12.03
CA ASN A 294 -17.28 -1.16 11.96
C ASN A 294 -17.54 -2.39 11.07
N ASP A 295 -16.57 -2.79 10.24
CA ASP A 295 -16.74 -3.80 9.16
C ASP A 295 -15.79 -4.96 9.45
N LYS A 296 -14.47 -4.70 9.41
CA LYS A 296 -13.39 -5.68 9.71
C LYS A 296 -13.36 -6.85 8.71
N THR A 297 -14.02 -6.72 7.56
CA THR A 297 -14.00 -7.77 6.49
C THR A 297 -13.13 -7.32 5.31
N ILE A 298 -12.74 -8.31 4.52
CA ILE A 298 -12.07 -8.18 3.21
C ILE A 298 -13.05 -8.69 2.18
N LYS A 299 -13.19 -8.00 1.06
CA LYS A 299 -14.09 -8.43 -0.03
C LYS A 299 -13.24 -8.66 -1.28
N LEU A 300 -13.55 -9.73 -2.01
CA LEU A 300 -12.95 -10.07 -3.32
C LEU A 300 -14.01 -9.86 -4.39
N TRP A 301 -13.69 -9.01 -5.37
CA TRP A 301 -14.56 -8.61 -6.49
C TRP A 301 -13.94 -9.09 -7.80
N LYS A 302 -14.75 -9.56 -8.74
CA LYS A 302 -14.22 -10.04 -10.04
C LYS A 302 -14.97 -9.38 -11.19
N SER A 303 -14.25 -9.11 -12.28
CA SER A 303 -14.74 -8.40 -13.48
C SER A 303 -14.36 -9.21 -14.72
N ASP A 304 -15.19 -9.15 -15.76
CA ASP A 304 -14.89 -9.77 -17.08
C ASP A 304 -13.89 -8.89 -17.85
N CYS A 305 -13.65 -7.64 -17.42
CA CYS A 305 -12.94 -6.59 -18.20
C CYS A 305 -12.01 -5.78 -17.29
C10 OJG B . -4.51 1.83 9.00
N12 OJG B . -4.66 4.18 9.67
C13 OJG B . -4.42 5.44 9.05
C15 OJG B . -4.79 7.29 10.61
C17 OJG B . -6.19 7.47 12.55
C20 OJG B . -5.34 8.43 10.08
O01 OJG B . 1.03 3.59 2.82
C02 OJG B . -0.37 3.71 3.01
C03 OJG B . -0.85 2.97 4.27
C04 OJG B . -0.14 2.09 5.10
N05 OJG B . -0.98 1.70 6.09
C06 OJG B . -2.16 2.33 5.86
N07 OJG B . -2.06 3.08 4.79
C08 OJG B . -3.45 2.20 6.68
C09 OJG B . -3.23 1.89 8.16
C11 OJG B . -5.35 3.11 9.00
C14 OJG B . -3.72 6.52 9.86
C16 OJG B . -5.23 6.80 11.83
C18 OJG B . -6.74 8.61 12.01
C19 OJG B . -6.32 9.10 10.81
O21 OJG B . -4.74 5.66 7.93
S SO4 C . -1.61 -3.43 -6.19
O1 SO4 C . -2.39 -4.13 -5.22
O2 SO4 C . -0.41 -4.19 -6.44
O3 SO4 C . -2.37 -3.29 -7.40
O4 SO4 C . -1.24 -2.11 -5.73
S SO4 D . -5.89 17.41 -14.65
O1 SO4 D . -6.87 16.33 -14.53
O2 SO4 D . -4.68 17.05 -13.94
O3 SO4 D . -5.59 17.60 -16.04
O4 SO4 D . -6.45 18.61 -14.10
S SO4 E . 8.02 0.18 -20.47
O1 SO4 E . 7.98 -0.96 -19.59
O2 SO4 E . 9.25 0.91 -20.25
O3 SO4 E . 7.97 -0.26 -21.84
O4 SO4 E . 6.90 1.03 -20.20
#